data_3RCN
#
_entry.id   3RCN
#
_cell.length_a   74.003
_cell.length_b   74.003
_cell.length_c   409.212
_cell.angle_alpha   90.00
_cell.angle_beta   90.00
_cell.angle_gamma   120.00
#
_symmetry.space_group_name_H-M   'P 61 2 2'
#
loop_
_entity.id
_entity.type
_entity.pdbx_description
1 polymer Beta-N-acetylhexosaminidase
2 non-polymer 'SULFATE ION'
3 non-polymer 'ACETIC ACID'
4 non-polymer GLYCEROL
5 water water
#
_entity_poly.entity_id   1
_entity_poly.type   'polypeptide(L)'
_entity_poly.pdbx_seq_one_letter_code
;SNA(MSE)SAFHQLIPAPWSFSAGTGELELDAGTSVGADPELRGPRRWLTRALGGATGWDLAPAPAREAGIRLLLDPSLD
AEAYRLEVSDAVVISAGGAAGAFYGAQTLLQLLGPAALRQAPVVAVEGWSVPRVSVEDKPRFGYRGT(MSE)LDVARHF
(MSE)PKDNVLRFIEV(MSE)A(MSE)HKLNVLHLHLTDDQGWR(MSE)QINRYPKLTETGAWRRESSLGSWRAGVFDGR
PHGGFYTQDDLREIVAFAADRHITVIPEIDVPGHSQAAIAAYPELGAGPADGSSPVEVWTRWGINETVLEVSETSLEFYR
NVLDEVVEIFPSPWISLGGDEVPLTQWQASAQAQAKAAELGLDDVSGLHSWFVGQLALHLKHHGRATSVWDEIGDGGLPD
GALVASWRGYEGGIDALRKGYDVV(MSE)CPEHKLYLDHRQADGDDEPVPVGFVTTLQAVYEFEPLPGVEGTDFPGRLLG
AQANIWSEHLDSPRRVQFAAFPRLSAISEVFWSNPAGRDYDEFLTRLTGAHLARLEA(MSE)GVEYRPLSGPAPWQQRPG
VEGWKRDYDAEQLVRN
;
_entity_poly.pdbx_strand_id   A
#
# COMPACT_ATOMS: atom_id res chain seq x y z
N SER A 5 11.52 -30.10 -13.82
CA SER A 5 11.90 -30.03 -12.40
C SER A 5 12.11 -28.60 -11.87
N ALA A 6 12.55 -27.69 -12.73
CA ALA A 6 12.70 -26.28 -12.36
C ALA A 6 11.50 -25.40 -12.77
N PHE A 7 10.48 -26.03 -13.36
CA PHE A 7 9.37 -25.28 -13.91
C PHE A 7 8.21 -25.05 -12.94
N HIS A 8 7.88 -23.78 -12.74
CA HIS A 8 6.73 -23.38 -11.93
C HIS A 8 6.24 -22.06 -12.49
N GLN A 9 4.94 -21.81 -12.34
CA GLN A 9 4.35 -20.51 -12.66
C GLN A 9 4.05 -19.50 -11.54
N LEU A 10 4.48 -19.81 -10.32
CA LEU A 10 4.29 -18.96 -9.14
C LEU A 10 4.79 -17.51 -9.25
N ILE A 11 3.96 -16.57 -8.85
CA ILE A 11 4.44 -15.21 -8.62
C ILE A 11 3.95 -14.74 -7.26
N PRO A 12 4.82 -14.09 -6.47
CA PRO A 12 6.26 -13.92 -6.67
C PRO A 12 7.00 -15.27 -6.71
N ALA A 13 8.04 -15.38 -7.53
CA ALA A 13 8.84 -16.60 -7.58
C ALA A 13 9.51 -16.87 -6.24
N PRO A 14 9.38 -18.11 -5.73
CA PRO A 14 9.99 -18.51 -4.45
C PRO A 14 11.51 -18.58 -4.57
N TRP A 15 12.22 -18.63 -3.46
CA TRP A 15 13.67 -18.63 -3.52
C TRP A 15 14.27 -19.94 -4.05
N SER A 16 13.75 -21.07 -3.59
CA SER A 16 14.12 -22.36 -4.20
C SER A 16 12.90 -23.26 -4.48
N PHE A 17 12.91 -23.92 -5.63
CA PHE A 17 11.78 -24.75 -6.06
C PHE A 17 12.26 -26.03 -6.75
N SER A 18 11.71 -27.16 -6.33
CA SER A 18 11.96 -28.44 -7.00
C SER A 18 10.68 -29.26 -7.16
N ALA A 19 10.44 -29.78 -8.36
CA ALA A 19 9.26 -30.60 -8.59
C ALA A 19 9.57 -32.07 -8.37
N GLY A 20 8.67 -32.76 -7.66
CA GLY A 20 8.76 -34.20 -7.54
C GLY A 20 7.97 -34.84 -8.66
N THR A 21 7.54 -36.07 -8.46
CA THR A 21 6.77 -36.76 -9.48
C THR A 21 5.31 -36.92 -9.07
N GLY A 22 4.41 -36.60 -9.98
CA GLY A 22 3.00 -36.83 -9.75
C GLY A 22 2.23 -35.71 -9.06
N GLU A 23 1.06 -36.09 -8.57
CA GLU A 23 0.08 -35.19 -7.98
C GLU A 23 -0.53 -35.86 -6.75
N LEU A 24 -0.61 -35.13 -5.64
CA LEU A 24 -1.36 -35.60 -4.48
C LEU A 24 -2.78 -35.09 -4.62
N GLU A 25 -3.75 -35.99 -4.48
CA GLU A 25 -5.16 -35.63 -4.63
C GLU A 25 -5.78 -35.32 -3.29
N LEU A 26 -6.47 -34.19 -3.23
CA LEU A 26 -7.19 -33.79 -2.02
C LEU A 26 -8.67 -33.98 -2.24
N ASP A 27 -9.30 -34.75 -1.37
CA ASP A 27 -10.73 -34.99 -1.41
C ASP A 27 -11.45 -34.08 -0.43
N ALA A 28 -12.76 -34.23 -0.35
CA ALA A 28 -13.60 -33.38 0.49
C ALA A 28 -13.39 -33.69 1.97
N GLY A 29 -12.63 -34.74 2.25
CA GLY A 29 -12.33 -35.13 3.63
C GLY A 29 -11.04 -34.55 4.18
N THR A 30 -10.30 -33.83 3.34
CA THR A 30 -9.05 -33.24 3.72
C THR A 30 -9.19 -32.40 4.99
N SER A 31 -8.29 -32.64 5.94
CA SER A 31 -8.35 -31.99 7.25
C SER A 31 -7.15 -31.09 7.40
N VAL A 32 -7.25 -30.07 8.26
CA VAL A 32 -6.17 -29.11 8.42
C VAL A 32 -5.64 -29.08 9.84
N GLY A 33 -4.40 -29.51 10.04
CA GLY A 33 -3.74 -29.40 11.35
C GLY A 33 -2.83 -28.20 11.50
N ALA A 34 -2.64 -27.72 12.73
CA ALA A 34 -1.64 -26.69 12.96
C ALA A 34 -1.07 -26.69 14.39
N ASP A 35 0.20 -26.30 14.51
CA ASP A 35 0.77 -25.95 15.81
C ASP A 35 0.14 -24.63 16.33
N PRO A 36 0.08 -24.45 17.66
CA PRO A 36 -0.67 -23.36 18.30
C PRO A 36 -0.38 -21.99 17.71
N GLU A 37 0.88 -21.75 17.38
CA GLU A 37 1.32 -20.48 16.80
C GLU A 37 0.65 -20.19 15.45
N LEU A 38 0.35 -21.25 14.71
CA LEU A 38 -0.20 -21.17 13.37
C LEU A 38 -1.73 -21.31 13.27
N ARG A 39 -2.44 -21.42 14.40
CA ARG A 39 -3.89 -21.55 14.35
C ARG A 39 -4.51 -20.39 13.59
N GLY A 40 -3.87 -19.22 13.67
CA GLY A 40 -4.35 -18.05 12.96
C GLY A 40 -4.41 -18.30 11.46
N PRO A 41 -3.27 -18.67 10.86
CA PRO A 41 -3.25 -19.01 9.43
C PRO A 41 -4.15 -20.20 9.08
N ARG A 42 -4.30 -21.17 9.99
CA ARG A 42 -5.19 -22.30 9.73
C ARG A 42 -6.62 -21.80 9.48
N ARG A 43 -7.06 -20.85 10.30
CA ARG A 43 -8.40 -20.27 10.14
C ARG A 43 -8.56 -19.59 8.78
N TRP A 44 -7.57 -18.80 8.37
CA TRP A 44 -7.67 -18.11 7.10
C TRP A 44 -7.77 -19.09 5.92
N LEU A 45 -6.92 -20.11 5.93
CA LEU A 45 -6.92 -21.13 4.87
C LEU A 45 -8.26 -21.87 4.81
N THR A 46 -8.71 -22.32 5.99
CA THR A 46 -10.02 -22.93 6.13
C THR A 46 -11.12 -22.08 5.48
N ARG A 47 -11.14 -20.79 5.79
CA ARG A 47 -12.12 -19.90 5.20
C ARG A 47 -11.96 -19.76 3.69
N ALA A 48 -10.73 -19.56 3.23
CA ALA A 48 -10.52 -19.26 1.82
C ALA A 48 -10.77 -20.47 0.92
N LEU A 49 -10.13 -21.58 1.31
CA LEU A 49 -10.17 -22.80 0.53
C LEU A 49 -11.52 -23.50 0.68
N GLY A 50 -12.11 -23.43 1.87
CA GLY A 50 -13.45 -23.95 2.08
C GLY A 50 -14.45 -23.27 1.15
N GLY A 51 -14.36 -21.95 1.07
CA GLY A 51 -15.19 -21.19 0.17
C GLY A 51 -14.99 -21.64 -1.28
N ALA A 52 -13.74 -21.88 -1.66
CA ALA A 52 -13.50 -22.22 -3.06
C ALA A 52 -13.86 -23.66 -3.42
N THR A 53 -13.66 -24.59 -2.48
CA THR A 53 -13.99 -26.00 -2.68
C THR A 53 -15.34 -26.53 -2.17
N GLY A 54 -16.05 -25.78 -1.34
CA GLY A 54 -17.18 -26.35 -0.63
C GLY A 54 -16.80 -27.44 0.39
N TRP A 55 -15.52 -27.64 0.68
CA TRP A 55 -15.15 -28.64 1.69
C TRP A 55 -15.29 -28.17 3.15
N ASP A 56 -15.45 -29.13 4.06
CA ASP A 56 -15.48 -28.83 5.51
C ASP A 56 -14.13 -28.33 6.06
N LEU A 57 -13.04 -28.97 5.66
CA LEU A 57 -11.71 -28.61 6.15
C LEU A 57 -11.64 -28.53 7.67
N ALA A 58 -12.16 -29.56 8.32
CA ALA A 58 -12.14 -29.66 9.77
C ALA A 58 -10.73 -29.89 10.27
N PRO A 59 -10.43 -29.36 11.47
CA PRO A 59 -9.12 -29.46 12.11
C PRO A 59 -8.82 -30.90 12.51
N ALA A 60 -7.55 -31.26 12.46
CA ALA A 60 -7.10 -32.57 12.92
C ALA A 60 -5.82 -32.34 13.71
N PRO A 61 -5.39 -33.33 14.52
CA PRO A 61 -4.08 -33.13 15.17
C PRO A 61 -2.99 -32.85 14.12
N ALA A 62 -2.12 -31.88 14.41
CA ALA A 62 -1.19 -31.34 13.42
C ALA A 62 -0.35 -32.34 12.62
N ARG A 63 0.26 -33.33 13.28
CA ARG A 63 1.12 -34.27 12.58
C ARG A 63 0.30 -35.26 11.77
N GLU A 64 -0.98 -35.33 12.08
CA GLU A 64 -1.92 -36.32 11.52
C GLU A 64 -2.76 -35.89 10.32
N ALA A 65 -2.53 -34.70 9.77
CA ALA A 65 -3.54 -34.06 8.93
C ALA A 65 -3.14 -33.96 7.46
N GLY A 66 -4.13 -33.82 6.59
CA GLY A 66 -3.89 -33.67 5.17
C GLY A 66 -3.06 -32.46 4.84
N ILE A 67 -3.46 -31.33 5.42
CA ILE A 67 -2.69 -30.09 5.34
C ILE A 67 -2.18 -29.75 6.74
N ARG A 68 -0.87 -29.86 6.94
CA ARG A 68 -0.23 -29.56 8.23
C ARG A 68 0.55 -28.26 8.20
N LEU A 69 0.28 -27.38 9.16
CA LEU A 69 1.08 -26.17 9.33
C LEU A 69 1.96 -26.34 10.58
N LEU A 70 3.25 -26.49 10.37
CA LEU A 70 4.18 -26.83 11.47
C LEU A 70 5.18 -25.72 11.78
N LEU A 71 5.36 -25.45 13.06
CA LEU A 71 6.33 -24.46 13.52
C LEU A 71 7.75 -25.00 13.45
N ASP A 72 8.62 -24.27 12.75
CA ASP A 72 10.05 -24.56 12.68
C ASP A 72 10.88 -23.34 13.11
N PRO A 73 11.27 -23.29 14.40
CA PRO A 73 11.90 -22.10 14.97
C PRO A 73 13.21 -21.70 14.27
N SER A 74 13.80 -22.61 13.50
CA SER A 74 15.05 -22.30 12.80
C SER A 74 14.85 -21.44 11.54
N LEU A 75 13.61 -21.38 11.05
CA LEU A 75 13.25 -20.48 9.95
C LEU A 75 12.95 -19.05 10.45
N ASP A 76 13.20 -18.06 9.61
CA ASP A 76 12.70 -16.70 9.87
C ASP A 76 11.16 -16.66 9.98
N ALA A 77 10.66 -15.70 10.74
CA ALA A 77 9.21 -15.54 10.96
C ALA A 77 8.37 -15.43 9.69
N GLU A 78 8.87 -14.75 8.65
CA GLU A 78 8.13 -14.59 7.39
C GLU A 78 8.50 -15.67 6.39
N ALA A 79 9.34 -16.61 6.81
CA ALA A 79 9.86 -17.64 5.92
C ALA A 79 9.12 -18.96 6.11
N TYR A 80 8.99 -19.73 5.04
CA TYR A 80 8.34 -21.03 5.13
C TYR A 80 8.99 -22.06 4.22
N ARG A 81 8.69 -23.32 4.51
CA ARG A 81 9.06 -24.42 3.65
C ARG A 81 7.77 -25.15 3.29
N LEU A 82 7.60 -25.55 2.04
CA LEU A 82 6.39 -26.26 1.62
C LEU A 82 6.68 -27.60 0.95
N GLU A 83 6.09 -28.65 1.51
CA GLU A 83 6.43 -30.00 1.12
C GLU A 83 5.18 -30.80 0.72
N VAL A 84 5.22 -31.39 -0.47
CA VAL A 84 4.11 -32.20 -0.98
C VAL A 84 4.49 -33.68 -1.16
N SER A 85 3.71 -34.53 -0.52
CA SER A 85 4.07 -35.88 -0.05
C SER A 85 2.76 -36.64 0.01
N ASP A 86 2.75 -37.72 0.78
CA ASP A 86 1.48 -38.29 1.22
C ASP A 86 0.55 -37.22 1.86
N ALA A 87 1.14 -36.09 2.29
CA ALA A 87 0.38 -34.93 2.78
C ALA A 87 0.98 -33.59 2.35
N VAL A 88 0.25 -32.51 2.57
CA VAL A 88 0.76 -31.16 2.33
C VAL A 88 1.33 -30.59 3.63
N VAL A 89 2.64 -30.40 3.68
CA VAL A 89 3.28 -29.94 4.91
C VAL A 89 3.93 -28.58 4.77
N ILE A 90 3.42 -27.59 5.50
CA ILE A 90 3.97 -26.24 5.47
C ILE A 90 4.65 -25.94 6.79
N SER A 91 5.97 -25.80 6.75
CA SER A 91 6.78 -25.39 7.91
C SER A 91 7.05 -23.88 7.89
N ALA A 92 6.90 -23.21 9.03
CA ALA A 92 7.23 -21.80 9.09
C ALA A 92 7.79 -21.38 10.46
N GLY A 93 8.48 -20.23 10.50
CA GLY A 93 9.00 -19.69 11.76
C GLY A 93 7.96 -18.92 12.55
N GLY A 94 6.85 -18.59 11.89
CA GLY A 94 5.77 -17.88 12.53
C GLY A 94 4.48 -17.87 11.71
N ALA A 95 3.47 -17.22 12.27
CA ALA A 95 2.18 -17.08 11.63
C ALA A 95 2.30 -16.52 10.21
N ALA A 96 2.97 -15.38 10.07
CA ALA A 96 3.12 -14.77 8.75
C ALA A 96 3.75 -15.74 7.77
N GLY A 97 4.74 -16.52 8.22
CA GLY A 97 5.38 -17.48 7.34
C GLY A 97 4.40 -18.53 6.85
N ALA A 98 3.63 -19.08 7.79
CA ALA A 98 2.62 -20.08 7.48
C ALA A 98 1.59 -19.50 6.53
N PHE A 99 1.27 -18.23 6.71
CA PHE A 99 0.31 -17.56 5.87
C PHE A 99 0.83 -17.55 4.44
N TYR A 100 2.08 -17.14 4.26
CA TYR A 100 2.66 -17.06 2.91
C TYR A 100 2.75 -18.44 2.26
N GLY A 101 3.01 -19.46 3.08
CA GLY A 101 3.02 -20.82 2.57
C GLY A 101 1.66 -21.18 2.00
N ALA A 102 0.62 -20.88 2.76
CA ALA A 102 -0.77 -21.03 2.35
C ALA A 102 -1.05 -20.39 1.00
N GLN A 103 -0.56 -19.18 0.79
CA GLN A 103 -0.76 -18.50 -0.50
C GLN A 103 -0.08 -19.29 -1.61
N THR A 104 1.14 -19.72 -1.36
CA THR A 104 1.83 -20.52 -2.36
C THR A 104 1.08 -21.81 -2.69
N LEU A 105 0.40 -22.36 -1.68
CA LEU A 105 -0.41 -23.54 -1.86
C LEU A 105 -1.56 -23.23 -2.82
N LEU A 106 -2.32 -22.17 -2.53
CA LEU A 106 -3.43 -21.81 -3.39
C LEU A 106 -3.00 -21.67 -4.84
N GLN A 107 -1.87 -21.00 -5.08
CA GLN A 107 -1.34 -20.91 -6.43
C GLN A 107 -1.06 -22.28 -7.03
N LEU A 108 -0.54 -23.21 -6.22
CA LEU A 108 -0.31 -24.59 -6.67
C LEU A 108 -1.58 -25.36 -7.08
N LEU A 109 -2.70 -25.06 -6.42
CA LEU A 109 -3.98 -25.70 -6.75
C LEU A 109 -4.64 -25.12 -8.01
N GLY A 110 -4.25 -23.91 -8.39
CA GLY A 110 -4.79 -23.25 -9.57
C GLY A 110 -5.78 -22.13 -9.27
N PRO A 111 -6.12 -21.31 -10.28
CA PRO A 111 -6.95 -20.12 -10.12
C PRO A 111 -8.31 -20.37 -9.47
N ALA A 112 -8.88 -21.58 -9.59
CA ALA A 112 -10.20 -21.81 -9.02
C ALA A 112 -10.15 -21.78 -7.49
N ALA A 113 -8.96 -21.96 -6.96
CA ALA A 113 -8.72 -21.89 -5.54
C ALA A 113 -8.86 -20.48 -4.99
N LEU A 114 -8.85 -19.47 -5.87
CA LEU A 114 -9.01 -18.06 -5.49
C LEU A 114 -10.44 -17.51 -5.60
N ARG A 115 -11.36 -18.33 -6.09
CA ARG A 115 -12.75 -17.92 -6.16
C ARG A 115 -13.41 -17.95 -4.78
N GLN A 116 -14.50 -17.22 -4.61
CA GLN A 116 -15.23 -17.20 -3.34
C GLN A 116 -16.32 -18.26 -3.28
N ALA A 117 -16.58 -18.95 -4.39
CA ALA A 117 -17.48 -20.12 -4.43
C ALA A 117 -16.95 -21.11 -5.46
N PRO A 118 -17.27 -22.41 -5.32
CA PRO A 118 -16.62 -23.35 -6.26
C PRO A 118 -17.08 -23.15 -7.71
N VAL A 119 -16.12 -23.01 -8.62
CA VAL A 119 -16.39 -23.03 -10.06
C VAL A 119 -16.05 -24.36 -10.73
N VAL A 120 -15.64 -25.35 -9.95
CA VAL A 120 -15.26 -26.63 -10.52
C VAL A 120 -15.96 -27.83 -9.89
N ALA A 121 -15.64 -29.02 -10.39
CA ALA A 121 -16.29 -30.27 -10.00
C ALA A 121 -16.17 -30.59 -8.51
N VAL A 122 -14.98 -30.35 -7.96
CA VAL A 122 -14.69 -30.63 -6.55
C VAL A 122 -14.73 -32.11 -6.17
N GLU A 123 -14.57 -32.99 -7.16
CA GLU A 123 -14.48 -34.43 -6.88
C GLU A 123 -13.09 -34.68 -6.31
N GLY A 124 -12.10 -34.12 -6.98
CA GLY A 124 -10.78 -34.03 -6.41
C GLY A 124 -10.07 -32.83 -6.98
N TRP A 125 -9.10 -32.33 -6.22
CA TRP A 125 -8.21 -31.32 -6.73
C TRP A 125 -6.86 -31.95 -6.60
N SER A 126 -5.90 -31.47 -7.36
CA SER A 126 -4.58 -32.02 -7.25
C SER A 126 -3.51 -30.96 -7.03
N VAL A 127 -2.62 -31.26 -6.09
CA VAL A 127 -1.42 -30.46 -5.88
C VAL A 127 -0.21 -31.22 -6.43
N PRO A 128 0.49 -30.65 -7.41
CA PRO A 128 1.71 -31.29 -7.89
C PRO A 128 2.69 -31.50 -6.73
N ARG A 129 3.45 -32.58 -6.74
CA ARG A 129 4.38 -32.82 -5.64
C ARG A 129 5.62 -31.98 -5.83
N VAL A 130 5.88 -31.10 -4.86
CA VAL A 130 7.01 -30.18 -4.92
C VAL A 130 7.63 -29.96 -3.55
N SER A 131 8.85 -29.42 -3.57
CA SER A 131 9.48 -28.91 -2.36
C SER A 131 9.80 -27.46 -2.63
N VAL A 132 9.31 -26.58 -1.75
CA VAL A 132 9.60 -25.15 -1.86
C VAL A 132 10.22 -24.59 -0.57
N GLU A 133 11.23 -23.76 -0.72
CA GLU A 133 11.80 -23.03 0.41
C GLU A 133 11.83 -21.54 0.09
N ASP A 134 11.26 -20.74 0.98
CA ASP A 134 10.94 -19.37 0.64
C ASP A 134 11.10 -18.38 1.80
N LYS A 135 11.63 -17.19 1.50
CA LYS A 135 11.69 -16.07 2.44
C LYS A 135 11.57 -14.75 1.67
N PRO A 136 11.16 -13.67 2.36
CA PRO A 136 11.18 -12.35 1.71
C PRO A 136 12.58 -11.75 1.57
N ARG A 137 12.84 -11.08 0.45
CA ARG A 137 14.07 -10.32 0.26
C ARG A 137 14.01 -9.05 1.10
N PHE A 138 12.92 -8.30 1.00
CA PHE A 138 12.75 -7.11 1.85
C PHE A 138 11.76 -7.41 2.95
N GLY A 139 11.95 -6.80 4.12
CA GLY A 139 11.04 -7.01 5.22
C GLY A 139 9.85 -6.07 5.16
N TYR A 140 10.01 -4.96 4.44
CA TYR A 140 8.92 -4.02 4.29
C TYR A 140 8.57 -3.97 2.81
N ARG A 141 7.42 -4.56 2.45
CA ARG A 141 7.00 -4.58 1.06
C ARG A 141 5.62 -3.90 1.00
N GLY A 142 5.63 -2.68 0.50
CA GLY A 142 4.50 -1.80 0.69
C GLY A 142 3.65 -1.51 -0.52
N THR A 143 2.49 -0.93 -0.24
CA THR A 143 1.69 -0.25 -1.24
C THR A 143 0.99 0.88 -0.53
N LEU A 145 -2.16 3.62 -0.77
CA LEU A 145 -3.44 3.76 -1.39
C LEU A 145 -3.99 5.12 -1.02
N ASP A 146 -4.24 5.97 -2.02
CA ASP A 146 -4.77 7.28 -1.74
C ASP A 146 -6.31 7.19 -1.80
N VAL A 147 -6.93 7.25 -0.64
CA VAL A 147 -8.38 7.34 -0.52
C VAL A 147 -8.86 8.76 -0.22
N ALA A 148 -7.93 9.70 -0.18
CA ALA A 148 -8.28 11.08 0.08
C ALA A 148 -8.81 11.73 -1.19
N ARG A 149 -8.15 11.46 -2.31
CA ARG A 149 -8.55 12.06 -3.57
C ARG A 149 -9.88 11.44 -4.08
N HIS A 150 -9.92 10.12 -4.18
CA HIS A 150 -11.17 9.40 -4.41
C HIS A 150 -11.45 8.35 -3.35
N PHE A 151 -12.57 8.55 -2.65
CA PHE A 151 -12.98 7.67 -1.59
C PHE A 151 -13.23 6.28 -2.14
N PRO A 153 -14.96 2.75 -1.43
CA PRO A 153 -15.86 2.09 -0.49
C PRO A 153 -15.19 0.92 0.22
N LYS A 154 -15.59 0.69 1.46
CA LYS A 154 -15.01 -0.34 2.32
C LYS A 154 -14.94 -1.74 1.67
N ASP A 155 -16.00 -2.14 0.97
CA ASP A 155 -16.02 -3.44 0.27
C ASP A 155 -14.82 -3.59 -0.68
N ASN A 156 -14.48 -2.52 -1.38
CA ASN A 156 -13.39 -2.52 -2.33
C ASN A 156 -12.01 -2.48 -1.67
N VAL A 157 -11.90 -1.73 -0.57
CA VAL A 157 -10.66 -1.73 0.23
C VAL A 157 -10.31 -3.14 0.73
N LEU A 158 -11.27 -3.89 1.24
CA LEU A 158 -10.96 -5.21 1.79
C LEU A 158 -10.54 -6.13 0.65
N ARG A 159 -11.13 -5.91 -0.52
CA ARG A 159 -10.79 -6.72 -1.69
C ARG A 159 -9.40 -6.39 -2.21
N PHE A 160 -9.07 -5.12 -2.26
CA PHE A 160 -7.72 -4.69 -2.58
C PHE A 160 -6.70 -5.29 -1.60
N ILE A 161 -7.06 -5.33 -0.32
CA ILE A 161 -6.17 -5.90 0.70
C ILE A 161 -5.97 -7.40 0.50
N GLU A 162 -7.03 -8.09 0.11
CA GLU A 162 -6.98 -9.52 -0.15
C GLU A 162 -6.04 -9.84 -1.32
N VAL A 163 -6.13 -9.03 -2.36
CA VAL A 163 -5.23 -9.16 -3.51
C VAL A 163 -3.78 -8.85 -3.13
N ALA A 165 -2.36 -9.43 -0.11
CA ALA A 165 -1.82 -10.53 0.67
C ALA A 165 -1.45 -11.70 -0.24
N HIS A 167 -0.13 -11.45 -3.05
CA HIS A 167 1.20 -11.14 -3.60
C HIS A 167 2.28 -11.05 -2.51
N LYS A 168 1.91 -11.37 -1.28
CA LYS A 168 2.82 -11.38 -0.14
C LYS A 168 3.32 -10.00 0.24
N LEU A 169 2.56 -8.96 -0.12
CA LEU A 169 2.82 -7.60 0.32
C LEU A 169 2.37 -7.50 1.77
N ASN A 170 3.27 -7.02 2.64
CA ASN A 170 2.98 -6.81 4.06
C ASN A 170 2.65 -5.40 4.59
N VAL A 171 2.70 -4.37 3.75
CA VAL A 171 2.40 -3.03 4.28
C VAL A 171 1.44 -2.26 3.41
N LEU A 172 0.44 -1.67 4.05
CA LEU A 172 -0.52 -0.84 3.34
C LEU A 172 -0.47 0.51 3.97
N HIS A 173 -0.05 1.49 3.17
CA HIS A 173 0.08 2.85 3.63
C HIS A 173 -1.18 3.57 3.14
N LEU A 174 -1.99 4.00 4.10
CA LEU A 174 -3.34 4.46 3.81
C LEU A 174 -3.40 5.98 3.89
N HIS A 175 -3.52 6.64 2.76
CA HIS A 175 -3.37 8.09 2.79
C HIS A 175 -4.79 8.62 2.97
N LEU A 176 -5.08 9.07 4.18
CA LEU A 176 -6.46 9.27 4.62
C LEU A 176 -7.01 10.67 4.47
N THR A 177 -6.16 11.65 4.18
CA THR A 177 -6.57 13.05 4.25
C THR A 177 -5.76 13.87 3.28
N ASP A 178 -6.35 14.92 2.76
CA ASP A 178 -5.68 15.77 1.82
C ASP A 178 -6.50 17.03 1.64
N ASP A 179 -6.11 17.83 0.66
CA ASP A 179 -6.85 19.05 0.32
C ASP A 179 -8.27 18.74 -0.12
N GLN A 180 -8.43 17.61 -0.80
CA GLN A 180 -9.69 17.31 -1.49
C GLN A 180 -10.68 16.42 -0.72
N GLY A 181 -10.32 16.04 0.50
CA GLY A 181 -11.23 15.35 1.40
C GLY A 181 -10.50 14.79 2.62
N TRP A 182 -11.27 14.47 3.66
CA TRP A 182 -10.80 13.90 4.91
C TRP A 182 -11.66 12.63 5.20
N ARG A 183 -11.04 11.45 5.21
CA ARG A 183 -11.78 10.21 5.25
C ARG A 183 -11.96 9.57 6.61
N GLN A 185 -13.30 9.48 10.48
CA GLN A 185 -14.20 10.04 11.47
C GLN A 185 -13.46 10.22 12.79
N ILE A 186 -13.53 11.45 13.32
CA ILE A 186 -12.93 11.79 14.61
C ILE A 186 -14.05 12.26 15.54
N ASN A 187 -14.18 11.60 16.68
CA ASN A 187 -15.28 11.82 17.59
C ASN A 187 -15.31 13.23 18.17
N ARG A 188 -14.13 13.79 18.44
CA ARG A 188 -14.07 15.10 19.07
C ARG A 188 -14.35 16.21 18.06
N TYR A 189 -14.07 15.94 16.80
CA TYR A 189 -14.17 16.97 15.77
C TYR A 189 -15.09 16.54 14.61
N PRO A 190 -16.40 16.47 14.88
CA PRO A 190 -17.39 15.89 13.94
C PRO A 190 -17.35 16.52 12.56
N LYS A 191 -16.97 17.79 12.44
CA LYS A 191 -17.00 18.47 11.15
C LYS A 191 -15.95 17.95 10.19
N LEU A 192 -14.93 17.27 10.71
CA LEU A 192 -13.90 16.73 9.85
C LEU A 192 -14.55 15.89 8.77
N THR A 193 -15.47 15.02 9.17
CA THR A 193 -16.28 14.27 8.24
C THR A 193 -17.52 15.01 7.70
N GLU A 194 -18.26 15.70 8.57
CA GLU A 194 -19.47 16.38 8.14
C GLU A 194 -19.22 17.39 7.02
N THR A 195 -18.12 18.12 7.14
CA THR A 195 -17.72 19.14 6.19
C THR A 195 -16.59 18.58 5.32
N GLY A 196 -15.49 18.18 5.96
CA GLY A 196 -14.31 17.70 5.26
C GLY A 196 -14.42 16.43 4.43
N ALA A 197 -15.48 15.65 4.60
CA ALA A 197 -15.58 14.36 3.90
C ALA A 197 -16.16 14.43 2.48
N TRP A 198 -16.48 15.63 2.02
CA TRP A 198 -17.02 15.80 0.66
C TRP A 198 -16.64 17.12 0.01
N ARG A 199 -16.57 17.12 -1.32
CA ARG A 199 -16.31 18.32 -2.09
C ARG A 199 -17.41 18.49 -3.15
N ARG A 200 -17.58 19.73 -3.61
CA ARG A 200 -18.58 20.12 -4.61
C ARG A 200 -18.38 19.43 -5.96
N GLU A 201 -17.15 19.43 -6.43
CA GLU A 201 -16.83 18.80 -7.71
C GLU A 201 -15.35 18.39 -7.77
N SER A 202 -14.90 18.01 -8.96
CA SER A 202 -13.55 17.51 -9.14
C SER A 202 -12.99 17.97 -10.48
N SER A 203 -11.70 18.29 -10.49
CA SER A 203 -11.00 18.51 -11.75
C SER A 203 -11.18 17.30 -12.62
N LEU A 204 -11.41 17.55 -13.89
CA LEU A 204 -11.47 16.49 -14.87
C LEU A 204 -10.15 16.48 -15.65
N GLY A 205 -9.33 15.46 -15.43
CA GLY A 205 -7.99 15.45 -16.00
C GLY A 205 -7.03 16.26 -15.16
N SER A 206 -5.88 16.60 -15.73
CA SER A 206 -4.90 17.46 -15.07
C SER A 206 -5.57 18.77 -14.65
N TRP A 207 -5.21 19.29 -13.48
CA TRP A 207 -5.74 20.60 -13.05
C TRP A 207 -5.37 21.70 -14.05
N ARG A 208 -4.35 21.43 -14.84
CA ARG A 208 -3.86 22.39 -15.83
C ARG A 208 -4.84 22.64 -16.98
N ALA A 209 -5.83 21.77 -17.12
CA ALA A 209 -6.83 21.93 -18.17
C ALA A 209 -8.01 22.76 -17.66
N GLY A 210 -8.03 23.02 -16.36
CA GLY A 210 -9.06 23.85 -15.76
C GLY A 210 -10.50 23.50 -16.09
N VAL A 211 -10.81 22.21 -16.19
CA VAL A 211 -12.17 21.77 -16.46
C VAL A 211 -12.66 20.89 -15.32
N PHE A 212 -13.94 20.99 -15.00
CA PHE A 212 -14.53 20.33 -13.84
C PHE A 212 -15.74 19.46 -14.19
N ASP A 213 -16.01 18.47 -13.36
CA ASP A 213 -17.04 17.48 -13.69
C ASP A 213 -18.44 17.73 -13.11
N GLY A 214 -18.62 18.80 -12.33
CA GLY A 214 -19.92 19.12 -11.78
C GLY A 214 -20.49 18.10 -10.81
N ARG A 215 -19.69 17.09 -10.45
CA ARG A 215 -20.18 15.96 -9.67
C ARG A 215 -19.62 15.94 -8.24
N PRO A 216 -20.47 16.11 -7.24
CA PRO A 216 -20.06 15.98 -5.85
C PRO A 216 -19.33 14.65 -5.64
N HIS A 217 -18.33 14.65 -4.76
CA HIS A 217 -17.68 13.40 -4.38
C HIS A 217 -17.31 13.34 -2.91
N GLY A 218 -17.49 12.18 -2.29
CA GLY A 218 -17.13 12.03 -0.90
C GLY A 218 -17.49 10.71 -0.25
N GLY A 219 -17.22 10.65 1.06
CA GLY A 219 -17.52 9.50 1.89
C GLY A 219 -16.47 9.46 2.98
N PHE A 220 -16.62 8.56 3.94
CA PHE A 220 -15.60 8.41 4.96
C PHE A 220 -15.70 7.08 5.68
N TYR A 221 -14.63 6.69 6.34
CA TYR A 221 -14.70 5.51 7.18
C TYR A 221 -15.05 5.89 8.61
N THR A 222 -15.90 5.12 9.25
CA THR A 222 -16.20 5.33 10.65
C THR A 222 -15.10 4.63 11.37
N GLN A 223 -15.09 4.72 12.69
CA GLN A 223 -14.01 4.14 13.45
C GLN A 223 -14.13 2.63 13.41
N ASP A 224 -15.38 2.15 13.42
CA ASP A 224 -15.64 0.72 13.30
C ASP A 224 -15.22 0.17 11.94
N ASP A 225 -15.34 0.99 10.91
CA ASP A 225 -14.92 0.61 9.56
C ASP A 225 -13.40 0.48 9.51
N LEU A 226 -12.71 1.43 10.13
CA LEU A 226 -11.26 1.40 10.15
C LEU A 226 -10.77 0.23 10.98
N ARG A 227 -11.38 0.01 12.13
CA ARG A 227 -11.04 -1.13 12.96
C ARG A 227 -11.09 -2.39 12.09
N GLU A 228 -12.23 -2.60 11.43
CA GLU A 228 -12.41 -3.74 10.55
C GLU A 228 -11.28 -3.86 9.53
N ILE A 229 -10.96 -2.77 8.86
CA ILE A 229 -9.93 -2.81 7.85
C ILE A 229 -8.60 -3.23 8.47
N VAL A 230 -8.31 -2.68 9.66
CA VAL A 230 -7.10 -3.02 10.41
C VAL A 230 -7.07 -4.51 10.82
N ALA A 231 -8.20 -5.00 11.33
CA ALA A 231 -8.32 -6.42 11.67
C ALA A 231 -8.24 -7.31 10.43
N PHE A 232 -8.91 -6.89 9.36
CA PHE A 232 -8.87 -7.64 8.10
C PHE A 232 -7.42 -7.73 7.61
N ALA A 233 -6.71 -6.61 7.61
CA ALA A 233 -5.30 -6.62 7.22
C ALA A 233 -4.43 -7.48 8.15
N ALA A 234 -4.75 -7.47 9.45
CA ALA A 234 -3.92 -8.17 10.42
C ALA A 234 -4.09 -9.69 10.28
N ASP A 235 -5.29 -10.12 9.92
CA ASP A 235 -5.52 -11.53 9.64
C ASP A 235 -4.65 -11.99 8.46
N ARG A 236 -4.40 -11.07 7.53
CA ARG A 236 -3.52 -11.30 6.39
C ARG A 236 -2.06 -10.82 6.55
N HIS A 237 -1.69 -10.40 7.76
CA HIS A 237 -0.30 -10.04 8.07
C HIS A 237 0.14 -8.83 7.29
N ILE A 238 -0.78 -7.90 7.15
CA ILE A 238 -0.48 -6.62 6.55
C ILE A 238 -0.58 -5.56 7.64
N THR A 239 0.45 -4.72 7.74
CA THR A 239 0.48 -3.63 8.68
C THR A 239 -0.16 -2.43 7.98
N VAL A 240 -1.08 -1.76 8.65
CA VAL A 240 -1.71 -0.57 8.07
C VAL A 240 -1.13 0.71 8.69
N ILE A 241 -0.36 1.44 7.90
CA ILE A 241 0.20 2.71 8.33
C ILE A 241 -0.69 3.87 7.87
N PRO A 242 -1.40 4.51 8.81
CA PRO A 242 -2.27 5.61 8.43
C PRO A 242 -1.46 6.86 8.21
N GLU A 243 -1.92 7.74 7.35
CA GLU A 243 -1.24 9.00 7.18
C GLU A 243 -2.24 10.13 7.34
N ILE A 244 -1.94 11.04 8.26
CA ILE A 244 -2.61 12.34 8.29
C ILE A 244 -1.58 13.37 7.87
N ASP A 245 -1.73 13.91 6.68
CA ASP A 245 -0.68 14.73 6.09
C ASP A 245 -0.74 16.15 6.67
N VAL A 246 0.40 16.62 7.19
CA VAL A 246 0.54 17.95 7.76
C VAL A 246 1.95 18.48 7.49
N PRO A 247 2.14 19.81 7.53
CA PRO A 247 1.26 20.99 7.59
C PRO A 247 0.56 21.32 6.28
N GLY A 248 1.06 20.79 5.16
CA GLY A 248 0.44 21.00 3.85
C GLY A 248 -0.65 19.97 3.56
N HIS A 249 -1.23 20.04 2.36
CA HIS A 249 -2.35 19.18 1.96
C HIS A 249 -3.47 19.18 3.00
N SER A 250 -3.65 20.31 3.65
CA SER A 250 -4.62 20.43 4.72
C SER A 250 -5.97 21.10 4.46
N GLN A 251 -6.24 21.56 3.25
CA GLN A 251 -7.47 22.34 3.04
C GLN A 251 -8.81 21.68 3.46
N ALA A 252 -8.85 20.35 3.54
CA ALA A 252 -10.09 19.71 3.95
C ALA A 252 -10.33 19.95 5.43
N ALA A 253 -9.29 19.77 6.23
CA ALA A 253 -9.36 20.07 7.66
C ALA A 253 -9.63 21.58 7.93
N ILE A 254 -9.00 22.44 7.14
CA ILE A 254 -9.23 23.89 7.25
C ILE A 254 -10.67 24.28 6.93
N ALA A 255 -11.26 23.67 5.89
CA ALA A 255 -12.68 23.87 5.59
C ALA A 255 -13.58 23.53 6.78
N ALA A 256 -13.34 22.37 7.37
CA ALA A 256 -14.07 21.93 8.56
C ALA A 256 -13.90 22.89 9.72
N TYR A 257 -12.64 23.23 10.03
CA TYR A 257 -12.30 24.10 11.17
C TYR A 257 -11.35 25.22 10.76
N PRO A 258 -11.91 26.35 10.31
CA PRO A 258 -11.15 27.43 9.65
C PRO A 258 -10.03 28.04 10.50
N GLU A 259 -10.11 27.87 11.81
N GLU A 259 -10.10 27.89 11.82
CA GLU A 259 -9.11 28.40 12.73
CA GLU A 259 -9.08 28.46 12.69
C GLU A 259 -7.74 27.84 12.39
C GLU A 259 -7.73 27.77 12.51
N LEU A 260 -7.73 26.64 11.82
CA LEU A 260 -6.49 25.94 11.49
C LEU A 260 -5.70 26.59 10.35
N GLY A 261 -6.37 27.48 9.61
CA GLY A 261 -5.73 28.19 8.51
C GLY A 261 -5.46 29.64 8.81
N ALA A 262 -4.86 30.33 7.83
CA ALA A 262 -4.56 31.75 7.96
C ALA A 262 -5.81 32.60 7.84
N GLY A 263 -6.57 32.36 6.79
CA GLY A 263 -7.81 33.06 6.53
C GLY A 263 -8.05 33.02 5.03
N PRO A 264 -9.22 33.52 4.58
CA PRO A 264 -9.49 33.58 3.14
C PRO A 264 -9.00 34.90 2.51
N SER A 269 -14.58 35.07 1.86
CA SER A 269 -15.45 33.92 1.63
C SER A 269 -14.90 32.64 2.27
N PRO A 270 -15.78 31.87 2.95
CA PRO A 270 -15.38 30.69 3.74
C PRO A 270 -14.64 29.65 2.91
N VAL A 271 -13.64 29.04 3.54
CA VAL A 271 -12.82 28.03 2.89
C VAL A 271 -13.63 26.75 2.72
N GLU A 272 -13.56 26.14 1.54
CA GLU A 272 -14.28 24.87 1.33
C GLU A 272 -13.33 23.77 0.85
N VAL A 273 -13.76 22.50 0.94
CA VAL A 273 -12.88 21.40 0.54
C VAL A 273 -12.36 21.68 -0.88
N TRP A 274 -11.07 21.48 -1.12
CA TRP A 274 -10.51 21.84 -2.43
C TRP A 274 -11.10 20.99 -3.55
N THR A 275 -11.46 21.61 -4.67
CA THR A 275 -11.99 20.87 -5.82
C THR A 275 -10.99 20.53 -6.94
N ARG A 276 -9.72 20.90 -6.79
CA ARG A 276 -8.75 20.67 -7.86
C ARG A 276 -7.54 19.93 -7.36
N TRP A 277 -6.73 19.46 -8.31
CA TRP A 277 -5.50 18.74 -7.98
C TRP A 277 -4.30 19.69 -7.81
N GLY A 278 -3.14 19.11 -7.50
CA GLY A 278 -1.88 19.83 -7.50
C GLY A 278 -1.47 20.32 -6.13
N ILE A 279 -0.56 21.28 -6.10
CA ILE A 279 -0.04 21.79 -4.83
C ILE A 279 -0.79 23.03 -4.35
N ASN A 280 -1.21 22.97 -3.09
CA ASN A 280 -1.99 24.02 -2.48
C ASN A 280 -1.12 25.03 -1.72
N GLU A 281 -1.28 26.32 -2.04
CA GLU A 281 -0.60 27.34 -1.27
C GLU A 281 -1.30 27.54 0.08
N THR A 282 -2.51 27.04 0.18
CA THR A 282 -3.23 27.17 1.44
C THR A 282 -2.88 26.03 2.39
N VAL A 283 -2.29 26.36 3.52
CA VAL A 283 -1.77 25.35 4.44
C VAL A 283 -2.10 25.69 5.89
N LEU A 284 -1.73 24.81 6.81
CA LEU A 284 -1.98 25.08 8.21
C LEU A 284 -1.27 26.33 8.69
N GLU A 285 -1.92 27.02 9.62
CA GLU A 285 -1.25 28.05 10.36
C GLU A 285 -0.68 27.29 11.56
N VAL A 286 0.65 27.22 11.63
CA VAL A 286 1.30 26.49 12.71
C VAL A 286 1.31 27.31 14.00
N SER A 287 0.79 26.71 15.07
CA SER A 287 0.47 27.44 16.28
C SER A 287 0.02 26.44 17.33
N GLU A 288 -0.19 26.92 18.54
CA GLU A 288 -0.49 26.03 19.65
C GLU A 288 -1.83 25.38 19.42
N THR A 289 -2.77 26.14 18.85
CA THR A 289 -4.10 25.60 18.61
C THR A 289 -4.11 24.49 17.55
N SER A 290 -3.46 24.71 16.41
CA SER A 290 -3.25 23.65 15.42
C SER A 290 -2.64 22.44 16.09
N LEU A 291 -1.56 22.67 16.83
CA LEU A 291 -0.86 21.60 17.52
C LEU A 291 -1.79 20.80 18.42
N GLU A 292 -2.61 21.50 19.21
CA GLU A 292 -3.52 20.82 20.12
C GLU A 292 -4.55 20.00 19.32
N PHE A 293 -5.04 20.59 18.24
CA PHE A 293 -6.02 19.95 17.39
C PHE A 293 -5.49 18.60 16.92
N TYR A 294 -4.28 18.62 16.37
CA TYR A 294 -3.73 17.43 15.76
C TYR A 294 -3.19 16.41 16.76
N ARG A 295 -2.96 16.83 18.00
CA ARG A 295 -2.62 15.87 19.06
C ARG A 295 -3.87 15.11 19.41
N ASN A 296 -4.99 15.83 19.46
CA ASN A 296 -6.29 15.20 19.67
C ASN A 296 -6.66 14.22 18.55
N VAL A 297 -6.35 14.59 17.31
CA VAL A 297 -6.58 13.69 16.19
C VAL A 297 -5.69 12.47 16.34
N LEU A 298 -4.42 12.69 16.67
CA LEU A 298 -3.50 11.55 16.72
C LEU A 298 -3.77 10.64 17.91
N ASP A 299 -4.51 11.15 18.89
CA ASP A 299 -4.94 10.34 20.02
C ASP A 299 -5.96 9.31 19.56
N GLU A 300 -6.89 9.72 18.71
CA GLU A 300 -7.85 8.75 18.21
C GLU A 300 -7.21 7.82 17.19
N VAL A 301 -6.37 8.34 16.31
CA VAL A 301 -5.68 7.50 15.34
C VAL A 301 -4.99 6.35 16.03
N VAL A 302 -4.30 6.66 17.12
CA VAL A 302 -3.43 5.69 17.78
C VAL A 302 -4.25 4.62 18.50
N GLU A 303 -5.48 4.97 18.87
CA GLU A 303 -6.44 4.01 19.41
C GLU A 303 -6.93 3.00 18.34
N ILE A 304 -7.16 3.49 17.13
CA ILE A 304 -7.62 2.66 16.01
C ILE A 304 -6.54 1.80 15.35
N PHE A 305 -5.41 2.41 15.01
CA PHE A 305 -4.30 1.76 14.31
C PHE A 305 -3.15 1.39 15.26
N PRO A 306 -2.95 0.09 15.48
CA PRO A 306 -1.87 -0.50 16.27
C PRO A 306 -0.46 -0.32 15.69
N SER A 307 -0.35 0.07 14.43
CA SER A 307 0.93 0.16 13.71
C SER A 307 2.06 0.94 14.43
N PRO A 308 3.27 0.37 14.49
CA PRO A 308 4.42 1.04 15.13
C PRO A 308 4.80 2.36 14.45
N TRP A 309 4.48 2.53 13.17
CA TRP A 309 4.68 3.82 12.49
C TRP A 309 3.35 4.52 12.24
N ILE A 310 3.37 5.83 12.29
CA ILE A 310 2.22 6.63 11.91
C ILE A 310 2.74 7.74 11.01
N SER A 311 2.11 7.95 9.86
CA SER A 311 2.68 8.87 8.87
C SER A 311 2.15 10.28 9.03
N LEU A 312 3.06 11.23 9.11
CA LEU A 312 2.71 12.64 9.14
C LEU A 312 2.84 13.37 7.81
N GLY A 313 3.22 12.68 6.75
CA GLY A 313 3.42 13.39 5.49
C GLY A 313 4.61 14.33 5.54
N GLY A 314 4.35 15.62 5.34
CA GLY A 314 5.37 16.65 5.43
C GLY A 314 5.79 17.13 4.06
N ASP A 315 5.20 16.52 3.03
CA ASP A 315 5.54 16.87 1.66
C ASP A 315 4.89 18.18 1.25
N GLU A 316 5.53 18.86 0.31
CA GLU A 316 4.94 19.94 -0.47
C GLU A 316 4.27 21.06 0.34
N VAL A 317 5.06 21.80 1.11
CA VAL A 317 4.53 23.00 1.73
C VAL A 317 5.23 24.27 1.23
N PRO A 318 4.52 25.06 0.40
CA PRO A 318 4.94 26.37 -0.10
C PRO A 318 5.04 27.34 1.07
N LEU A 319 6.01 28.24 1.07
CA LEU A 319 6.23 29.09 2.24
C LEU A 319 5.50 30.43 2.11
N THR A 320 4.84 30.61 0.97
CA THR A 320 4.22 31.88 0.66
C THR A 320 3.33 32.38 1.79
N GLN A 321 2.40 31.53 2.23
CA GLN A 321 1.49 31.90 3.30
C GLN A 321 2.27 32.29 4.56
N TRP A 322 3.26 31.49 4.93
CA TRP A 322 3.99 31.70 6.17
C TRP A 322 4.83 32.96 6.13
N GLN A 323 5.43 33.23 4.98
CA GLN A 323 6.25 34.42 4.81
C GLN A 323 5.42 35.70 4.93
N ALA A 324 4.15 35.62 4.55
CA ALA A 324 3.29 36.79 4.59
C ALA A 324 2.49 36.86 5.88
N SER A 325 2.71 35.92 6.78
CA SER A 325 1.88 35.78 7.97
C SER A 325 2.46 36.48 9.21
N ALA A 326 1.79 37.53 9.69
CA ALA A 326 2.21 38.17 10.93
C ALA A 326 2.31 37.15 12.06
N GLN A 327 1.42 36.15 12.07
CA GLN A 327 1.42 35.15 13.14
C GLN A 327 2.62 34.21 13.03
N ALA A 328 2.95 33.84 11.81
CA ALA A 328 4.04 32.92 11.57
C ALA A 328 5.36 33.60 11.95
N GLN A 329 5.51 34.86 11.54
CA GLN A 329 6.67 35.65 11.89
C GLN A 329 6.82 35.72 13.41
N ALA A 330 5.78 36.14 14.11
CA ALA A 330 5.79 36.16 15.56
C ALA A 330 6.25 34.83 16.15
N LYS A 331 5.68 33.73 15.66
CA LYS A 331 5.99 32.38 16.16
C LYS A 331 7.46 31.99 16.01
N ALA A 332 8.02 32.30 14.86
CA ALA A 332 9.41 32.02 14.58
C ALA A 332 10.35 32.80 15.53
N ALA A 333 9.94 34.01 15.91
CA ALA A 333 10.69 34.80 16.88
C ALA A 333 10.66 34.13 18.25
N GLU A 334 9.46 33.76 18.70
CA GLU A 334 9.31 33.16 20.01
C GLU A 334 10.17 31.89 20.15
N LEU A 335 10.32 31.14 19.07
CA LEU A 335 11.08 29.90 19.14
C LEU A 335 12.56 30.13 18.90
N GLY A 336 12.88 31.29 18.36
CA GLY A 336 14.25 31.60 17.94
C GLY A 336 14.69 30.90 16.66
N LEU A 337 13.75 30.67 15.74
CA LEU A 337 14.07 30.09 14.43
C LEU A 337 14.72 31.12 13.51
N ASP A 338 15.53 30.66 12.57
CA ASP A 338 16.21 31.56 11.64
C ASP A 338 15.19 32.24 10.73
N ASP A 339 14.31 31.43 10.16
CA ASP A 339 13.25 31.98 9.34
C ASP A 339 11.94 31.20 9.46
N VAL A 340 10.95 31.71 8.76
CA VAL A 340 9.58 31.26 8.91
C VAL A 340 9.45 29.82 8.40
N SER A 341 10.40 29.41 7.55
CA SER A 341 10.38 28.07 6.99
C SER A 341 10.80 26.97 7.99
N GLY A 342 11.29 27.38 9.15
CA GLY A 342 11.72 26.41 10.15
C GLY A 342 10.53 25.88 10.92
N LEU A 343 9.40 26.55 10.77
CA LEU A 343 8.18 26.17 11.46
C LEU A 343 7.70 24.79 10.98
N HIS A 344 8.02 24.49 9.74
CA HIS A 344 7.68 23.20 9.15
C HIS A 344 8.34 22.07 9.97
N SER A 345 9.65 22.17 10.12
CA SER A 345 10.39 21.17 10.87
C SER A 345 9.89 21.12 12.30
N TRP A 346 9.62 22.30 12.85
CA TRP A 346 9.18 22.39 14.24
C TRP A 346 7.82 21.73 14.47
N PHE A 347 6.87 21.99 13.56
CA PHE A 347 5.50 21.52 13.72
C PHE A 347 5.44 20.00 13.69
N VAL A 348 6.07 19.43 12.68
CA VAL A 348 6.10 17.98 12.52
C VAL A 348 6.81 17.32 13.71
N GLY A 349 7.88 17.97 14.18
CA GLY A 349 8.65 17.44 15.30
C GLY A 349 7.84 17.38 16.58
N GLN A 350 7.08 18.44 16.86
CA GLN A 350 6.18 18.45 18.00
C GLN A 350 5.17 17.31 17.94
N LEU A 351 4.59 17.09 16.76
CA LEU A 351 3.70 15.95 16.61
C LEU A 351 4.46 14.63 16.73
N ALA A 352 5.64 14.55 16.13
CA ALA A 352 6.47 13.35 16.26
C ALA A 352 6.76 13.04 17.72
N LEU A 353 6.96 14.09 18.51
CA LEU A 353 7.16 13.95 19.96
C LEU A 353 5.91 13.36 20.62
N HIS A 354 4.74 13.82 20.18
CA HIS A 354 3.48 13.37 20.77
C HIS A 354 3.28 11.89 20.46
N LEU A 355 3.60 11.50 19.23
CA LEU A 355 3.58 10.10 18.84
C LEU A 355 4.53 9.29 19.71
N LYS A 356 5.71 9.86 19.99
CA LYS A 356 6.74 9.17 20.76
C LYS A 356 6.21 8.90 22.16
N HIS A 357 5.46 9.86 22.69
CA HIS A 357 4.81 9.72 23.98
C HIS A 357 3.92 8.46 23.97
N HIS A 358 3.28 8.20 22.83
CA HIS A 358 2.41 7.03 22.64
C HIS A 358 3.16 5.79 22.19
N GLY A 359 4.47 5.89 22.03
CA GLY A 359 5.26 4.72 21.69
C GLY A 359 5.35 4.43 20.21
N ARG A 360 5.00 5.40 19.38
CA ARG A 360 5.06 5.23 17.94
C ARG A 360 6.17 6.02 17.29
N ALA A 361 6.85 5.40 16.34
CA ALA A 361 7.77 6.08 15.44
C ALA A 361 6.97 6.88 14.42
N THR A 362 7.60 7.88 13.81
CA THR A 362 6.94 8.72 12.81
C THR A 362 7.40 8.37 11.40
N SER A 363 6.50 8.51 10.45
CA SER A 363 6.86 8.31 9.06
C SER A 363 6.64 9.63 8.29
N VAL A 364 7.57 10.01 7.43
CA VAL A 364 7.45 11.23 6.65
C VAL A 364 8.01 11.06 5.23
N TRP A 365 7.70 11.98 4.34
CA TRP A 365 8.20 11.94 2.97
C TRP A 365 9.62 12.51 2.79
N ASP A 366 10.14 13.21 3.79
CA ASP A 366 11.43 13.88 3.63
C ASP A 366 11.91 14.62 4.90
N GLU A 367 13.19 14.99 4.95
CA GLU A 367 13.74 15.62 6.15
C GLU A 367 13.65 14.64 7.33
N LEU A 373 13.98 14.42 13.96
CA LEU A 373 12.93 13.47 14.37
C LEU A 373 13.43 12.39 15.35
N PRO A 374 12.52 11.80 16.13
CA PRO A 374 12.98 10.80 17.10
C PRO A 374 13.64 9.59 16.42
N ASP A 375 14.13 8.64 17.22
CA ASP A 375 15.01 7.58 16.70
C ASP A 375 14.39 6.75 15.57
N GLY A 376 13.17 6.29 15.79
CA GLY A 376 12.54 5.36 14.87
C GLY A 376 11.96 6.02 13.65
N ALA A 377 12.31 7.27 13.38
CA ALA A 377 11.76 7.96 12.21
C ALA A 377 12.05 7.21 10.93
N LEU A 378 11.00 7.04 10.14
CA LEU A 378 11.06 6.38 8.85
C LEU A 378 10.87 7.42 7.76
N VAL A 379 11.79 7.42 6.80
CA VAL A 379 11.64 8.27 5.63
C VAL A 379 11.19 7.48 4.41
N ALA A 380 10.16 7.98 3.73
CA ALA A 380 9.76 7.40 2.46
C ALA A 380 10.33 8.28 1.35
N SER A 381 11.35 7.78 0.68
CA SER A 381 12.11 8.58 -0.26
C SER A 381 11.60 8.46 -1.68
N TRP A 382 11.01 9.55 -2.18
CA TRP A 382 10.52 9.63 -3.55
C TRP A 382 11.57 10.19 -4.53
N ARG A 383 12.67 10.71 -3.98
CA ARG A 383 13.79 11.13 -4.81
C ARG A 383 14.59 9.88 -5.20
N GLY A 384 15.66 10.05 -5.96
CA GLY A 384 16.43 8.92 -6.42
C GLY A 384 17.34 8.32 -5.35
N TYR A 385 18.34 7.57 -5.79
CA TYR A 385 19.28 6.91 -4.89
C TYR A 385 20.00 7.88 -3.98
N GLU A 386 20.22 9.11 -4.45
CA GLU A 386 20.93 10.10 -3.66
C GLU A 386 20.17 10.56 -2.41
N GLY A 387 18.93 11.02 -2.57
CA GLY A 387 18.12 11.40 -1.44
C GLY A 387 17.99 10.27 -0.42
N GLY A 388 17.98 9.04 -0.92
CA GLY A 388 17.89 7.86 -0.07
C GLY A 388 19.12 7.62 0.80
N ILE A 389 20.30 7.59 0.19
CA ILE A 389 21.54 7.34 0.94
C ILE A 389 21.81 8.48 1.92
N ASP A 390 21.36 9.68 1.56
CA ASP A 390 21.49 10.85 2.39
C ASP A 390 20.73 10.70 3.72
N ALA A 391 19.56 10.08 3.67
CA ALA A 391 18.73 9.88 4.86
C ALA A 391 19.25 8.76 5.73
N LEU A 392 19.99 7.83 5.13
CA LEU A 392 20.69 6.80 5.87
C LEU A 392 21.90 7.37 6.62
N ARG A 393 22.65 8.25 5.96
CA ARG A 393 23.76 8.93 6.62
C ARG A 393 23.30 9.54 7.96
N LYS A 394 22.10 10.12 7.98
CA LYS A 394 21.61 10.79 9.17
C LYS A 394 20.96 9.83 10.18
N GLY A 395 20.93 8.54 9.86
CA GLY A 395 20.41 7.53 10.79
C GLY A 395 18.91 7.23 10.68
N TYR A 396 18.23 7.91 9.76
CA TYR A 396 16.83 7.66 9.54
C TYR A 396 16.69 6.32 8.83
N ASP A 397 15.70 5.52 9.24
CA ASP A 397 15.32 4.31 8.50
C ASP A 397 14.62 4.72 7.20
N VAL A 398 14.88 3.97 6.14
CA VAL A 398 14.43 4.35 4.83
C VAL A 398 13.60 3.24 4.14
N VAL A 399 12.57 3.65 3.40
CA VAL A 399 11.92 2.77 2.43
C VAL A 399 11.89 3.52 1.11
N CYS A 401 10.54 4.63 -2.49
CA CYS A 401 9.46 4.74 -3.42
C CYS A 401 9.74 5.86 -4.40
N PRO A 402 10.71 5.63 -5.30
CA PRO A 402 11.11 6.68 -6.25
C PRO A 402 9.93 7.09 -7.13
N GLU A 403 9.72 8.40 -7.29
CA GLU A 403 8.65 8.93 -8.11
C GLU A 403 8.77 8.52 -9.57
N HIS A 404 9.99 8.28 -10.05
CA HIS A 404 10.17 7.97 -11.46
C HIS A 404 10.21 6.47 -11.73
N LYS A 405 9.97 5.68 -10.69
CA LYS A 405 9.97 4.22 -10.79
C LYS A 405 8.66 3.60 -10.32
N LEU A 406 8.36 3.83 -9.05
CA LEU A 406 7.28 3.17 -8.31
C LEU A 406 5.92 3.87 -8.20
N TYR A 407 5.70 4.96 -8.93
CA TYR A 407 4.39 5.63 -8.86
C TYR A 407 3.43 5.08 -9.90
N LEU A 408 2.36 4.45 -9.41
CA LEU A 408 1.48 3.66 -10.28
C LEU A 408 0.32 4.45 -10.89
N ASP A 409 0.15 5.70 -10.46
CA ASP A 409 -0.76 6.60 -11.14
C ASP A 409 -0.17 7.03 -12.49
N HIS A 410 1.10 6.73 -12.72
CA HIS A 410 1.74 7.14 -13.97
C HIS A 410 1.44 6.19 -15.10
N ARG A 411 1.29 6.78 -16.30
CA ARG A 411 0.93 6.06 -17.52
C ARG A 411 1.83 4.86 -17.82
N GLN A 412 1.22 3.78 -18.30
CA GLN A 412 1.91 2.50 -18.49
C GLN A 412 2.50 2.34 -19.87
N ALA A 413 2.26 3.33 -20.73
CA ALA A 413 2.85 3.30 -22.07
C ALA A 413 2.89 4.69 -22.65
N ASP A 414 3.73 4.90 -23.65
CA ASP A 414 3.72 6.17 -24.35
C ASP A 414 2.48 6.30 -25.22
N GLY A 415 2.09 7.54 -25.53
CA GLY A 415 1.03 7.76 -26.49
C GLY A 415 -0.33 8.19 -25.96
N ASP A 416 -1.27 8.30 -26.89
CA ASP A 416 -2.57 8.88 -26.60
C ASP A 416 -3.68 7.87 -26.29
N ASP A 417 -3.38 6.57 -26.32
CA ASP A 417 -4.41 5.59 -26.01
C ASP A 417 -4.55 5.20 -24.54
N GLU A 418 -3.59 5.58 -23.71
CA GLU A 418 -3.70 5.37 -22.28
C GLU A 418 -4.63 6.41 -21.66
N PRO A 419 -5.50 6.00 -20.73
CA PRO A 419 -6.45 6.91 -20.05
C PRO A 419 -5.81 7.97 -19.13
N VAL A 420 -6.22 9.23 -19.26
CA VAL A 420 -5.68 10.35 -18.48
C VAL A 420 -4.18 10.22 -18.20
N PRO A 421 -3.35 10.27 -19.26
CA PRO A 421 -1.91 10.06 -19.11
C PRO A 421 -1.21 11.16 -18.33
N VAL A 422 -0.45 10.77 -17.32
CA VAL A 422 0.27 11.69 -16.45
C VAL A 422 1.56 11.05 -15.98
N GLY A 423 2.53 11.88 -15.63
CA GLY A 423 3.78 11.37 -15.12
C GLY A 423 4.62 10.78 -16.23
N PHE A 424 5.66 10.05 -15.83
CA PHE A 424 6.58 9.39 -16.75
C PHE A 424 5.99 8.11 -17.27
N VAL A 425 6.46 7.64 -18.43
CA VAL A 425 6.06 6.33 -18.87
C VAL A 425 6.72 5.34 -17.92
N THR A 426 5.91 4.54 -17.24
CA THR A 426 6.45 3.54 -16.34
C THR A 426 5.83 2.20 -16.72
N THR A 427 6.65 1.31 -17.29
CA THR A 427 6.08 0.15 -17.93
C THR A 427 6.22 -1.07 -17.04
N LEU A 428 5.66 -2.18 -17.51
CA LEU A 428 5.72 -3.43 -16.77
C LEU A 428 7.17 -3.90 -16.65
N GLN A 429 7.92 -3.80 -17.73
CA GLN A 429 9.29 -4.27 -17.75
C GLN A 429 10.20 -3.35 -16.93
N ALA A 430 10.04 -2.04 -17.12
CA ALA A 430 10.84 -1.06 -16.39
C ALA A 430 10.72 -1.29 -14.88
N VAL A 431 9.48 -1.43 -14.42
CA VAL A 431 9.18 -1.64 -13.01
C VAL A 431 9.75 -2.97 -12.51
N TYR A 432 9.86 -3.95 -13.40
CA TYR A 432 10.33 -5.27 -13.00
C TYR A 432 11.83 -5.29 -12.85
N GLU A 433 12.48 -4.37 -13.54
CA GLU A 433 13.92 -4.26 -13.52
C GLU A 433 14.45 -3.24 -12.50
N PHE A 434 13.55 -2.64 -11.73
CA PHE A 434 13.89 -1.67 -10.68
C PHE A 434 14.75 -2.18 -9.52
N GLU A 435 15.59 -1.31 -8.97
CA GLU A 435 16.38 -1.60 -7.76
C GLU A 435 16.43 -0.43 -6.78
N PRO A 436 16.46 -0.75 -5.47
CA PRO A 436 16.69 0.06 -4.25
C PRO A 436 18.15 0.27 -3.80
N LEU A 437 18.86 1.27 -4.31
CA LEU A 437 20.24 1.58 -3.84
C LEU A 437 21.29 0.48 -4.02
N PRO A 438 21.50 0.00 -5.26
CA PRO A 438 22.29 -1.21 -5.53
C PRO A 438 23.79 -1.02 -5.34
N GLY A 442 28.66 -0.94 0.78
CA GLY A 442 29.44 -1.26 1.96
C GLY A 442 29.78 -0.02 2.76
N THR A 443 28.88 0.96 2.70
CA THR A 443 29.08 2.21 3.40
C THR A 443 28.67 2.13 4.87
N ASP A 444 27.88 1.13 5.21
CA ASP A 444 27.63 0.81 6.62
C ASP A 444 27.19 2.00 7.48
N PHE A 445 26.12 2.69 7.08
CA PHE A 445 25.64 3.84 7.84
C PHE A 445 24.69 3.46 8.99
N PRO A 446 24.31 4.46 9.80
CA PRO A 446 23.42 4.28 10.96
C PRO A 446 21.97 4.00 10.58
N GLY A 447 21.53 4.50 9.43
CA GLY A 447 20.18 4.25 8.97
C GLY A 447 20.14 2.89 8.30
N ARG A 448 19.00 2.21 8.37
CA ARG A 448 18.85 0.94 7.68
C ARG A 448 17.73 0.93 6.65
N LEU A 449 17.92 0.14 5.59
CA LEU A 449 16.94 0.07 4.52
C LEU A 449 15.93 -1.01 4.89
N LEU A 450 14.70 -0.60 5.11
CA LEU A 450 13.65 -1.52 5.48
C LEU A 450 13.07 -2.25 4.27
N GLY A 451 13.01 -1.55 3.14
CA GLY A 451 12.35 -2.07 1.95
C GLY A 451 11.89 -0.99 0.99
N ALA A 452 10.86 -1.33 0.22
CA ALA A 452 10.33 -0.45 -0.82
C ALA A 452 8.80 -0.39 -0.79
N GLN A 453 8.25 0.56 -1.54
CA GLN A 453 6.81 0.74 -1.57
C GLN A 453 6.35 1.32 -2.92
N ALA A 454 5.21 0.86 -3.42
CA ALA A 454 4.62 1.44 -4.61
C ALA A 454 3.45 2.34 -4.21
N ASN A 455 3.35 3.51 -4.84
CA ASN A 455 2.31 4.47 -4.49
C ASN A 455 1.27 4.64 -5.60
N ILE A 456 0.00 4.58 -5.23
CA ILE A 456 -1.08 4.82 -6.17
C ILE A 456 -1.85 6.09 -5.77
N TRP A 457 -1.64 7.18 -6.51
CA TRP A 457 -2.32 8.42 -6.21
C TRP A 457 -3.61 8.45 -7.02
N SER A 458 -4.70 8.83 -6.35
CA SER A 458 -6.05 8.62 -6.87
C SER A 458 -6.73 9.79 -7.59
N GLU A 459 -5.99 10.88 -7.86
CA GLU A 459 -6.59 12.04 -8.52
C GLU A 459 -7.45 11.62 -9.70
N HIS A 460 -6.87 10.80 -10.57
CA HIS A 460 -7.55 10.38 -11.78
C HIS A 460 -8.23 9.02 -11.73
N LEU A 461 -8.11 8.29 -10.62
CA LEU A 461 -8.77 7.01 -10.56
C LEU A 461 -10.02 7.20 -9.72
N ASP A 462 -11.14 7.32 -10.41
CA ASP A 462 -12.43 7.68 -9.82
C ASP A 462 -13.37 6.51 -9.55
N SER A 463 -12.90 5.29 -9.83
CA SER A 463 -13.61 4.09 -9.42
C SER A 463 -12.56 3.07 -9.00
N PRO A 464 -12.99 2.06 -8.22
CA PRO A 464 -12.10 0.94 -7.89
C PRO A 464 -11.64 0.18 -9.15
N ARG A 465 -12.43 0.22 -10.21
CA ARG A 465 -11.99 -0.37 -11.46
C ARG A 465 -10.75 0.37 -11.96
N ARG A 466 -10.79 1.69 -11.96
N ARG A 466 -10.82 1.69 -11.93
CA ARG A 466 -9.66 2.46 -12.44
CA ARG A 466 -9.74 2.56 -12.37
C ARG A 466 -8.42 2.23 -11.57
C ARG A 466 -8.47 2.27 -11.57
N VAL A 467 -8.62 2.11 -10.26
CA VAL A 467 -7.51 1.80 -9.38
C VAL A 467 -6.87 0.45 -9.74
N GLN A 468 -7.69 -0.52 -10.10
CA GLN A 468 -7.19 -1.84 -10.48
C GLN A 468 -6.39 -1.79 -11.78
N PHE A 469 -6.86 -0.95 -12.69
CA PHE A 469 -6.22 -0.78 -13.96
C PHE A 469 -4.83 -0.19 -13.70
N ALA A 470 -4.76 0.80 -12.81
CA ALA A 470 -3.51 1.47 -12.49
C ALA A 470 -2.56 0.52 -11.80
N ALA A 471 -3.06 -0.23 -10.82
CA ALA A 471 -2.19 -1.04 -9.99
C ALA A 471 -1.68 -2.29 -10.69
N PHE A 472 -2.48 -2.85 -11.59
CA PHE A 472 -2.10 -4.13 -12.20
C PHE A 472 -2.02 -4.05 -13.70
N PRO A 473 -1.15 -4.88 -14.31
CA PRO A 473 -0.24 -5.93 -13.80
C PRO A 473 1.03 -5.46 -13.04
N ARG A 474 1.39 -4.18 -13.14
CA ARG A 474 2.64 -3.69 -12.56
C ARG A 474 2.90 -4.12 -11.11
N LEU A 475 1.91 -4.02 -10.26
CA LEU A 475 2.04 -4.41 -8.86
C LEU A 475 2.40 -5.91 -8.69
N SER A 476 2.10 -6.72 -9.69
CA SER A 476 2.48 -8.13 -9.64
C SER A 476 3.98 -8.27 -9.83
N ALA A 477 4.52 -7.54 -10.80
CA ALA A 477 5.96 -7.53 -11.05
C ALA A 477 6.73 -6.93 -9.86
N ILE A 478 6.20 -5.84 -9.33
CA ILE A 478 6.72 -5.21 -8.13
C ILE A 478 6.72 -6.16 -6.93
N SER A 479 5.65 -6.92 -6.73
CA SER A 479 5.62 -7.85 -5.60
C SER A 479 6.77 -8.84 -5.67
N GLU A 480 7.19 -9.18 -6.90
CA GLU A 480 8.31 -10.10 -7.09
C GLU A 480 9.64 -9.41 -6.77
N VAL A 481 9.79 -8.18 -7.24
CA VAL A 481 10.96 -7.40 -6.93
C VAL A 481 11.15 -7.29 -5.42
N PHE A 482 10.06 -7.12 -4.67
CA PHE A 482 10.13 -7.00 -3.21
C PHE A 482 10.36 -8.33 -2.48
N TRP A 483 9.68 -9.38 -2.93
CA TRP A 483 9.83 -10.70 -2.33
C TRP A 483 11.02 -11.58 -2.78
N SER A 484 11.19 -11.72 -4.09
CA SER A 484 12.01 -12.81 -4.60
C SER A 484 13.51 -12.52 -4.57
N ASN A 485 14.27 -13.48 -5.09
CA ASN A 485 15.71 -13.40 -5.24
C ASN A 485 16.09 -12.64 -6.52
N PRO A 486 16.86 -11.54 -6.35
CA PRO A 486 17.27 -10.67 -7.47
C PRO A 486 18.18 -11.37 -8.50
N ALA A 487 18.78 -12.48 -8.11
CA ALA A 487 19.71 -13.19 -8.98
C ALA A 487 19.00 -13.84 -10.17
N GLY A 488 17.80 -14.36 -9.92
CA GLY A 488 17.08 -15.12 -10.93
C GLY A 488 16.19 -14.26 -11.82
N ARG A 489 16.52 -12.97 -11.94
CA ARG A 489 15.63 -12.02 -12.61
C ARG A 489 15.85 -11.90 -14.11
N ASP A 490 14.84 -12.30 -14.88
CA ASP A 490 14.76 -12.09 -16.32
C ASP A 490 13.33 -11.73 -16.71
N TYR A 491 13.16 -10.61 -17.42
CA TYR A 491 11.81 -10.14 -17.76
C TYR A 491 11.05 -11.10 -18.66
N ASP A 492 11.72 -11.62 -19.69
CA ASP A 492 11.08 -12.49 -20.67
C ASP A 492 10.55 -13.74 -20.00
N GLU A 493 11.31 -14.25 -19.04
CA GLU A 493 10.90 -15.42 -18.28
C GLU A 493 9.67 -15.10 -17.45
N PHE A 494 9.73 -13.97 -16.75
CA PHE A 494 8.62 -13.46 -15.94
C PHE A 494 7.32 -13.39 -16.73
N LEU A 495 7.39 -12.91 -17.97
CA LEU A 495 6.21 -12.74 -18.81
C LEU A 495 5.44 -14.03 -19.00
N THR A 496 6.19 -15.09 -19.29
CA THR A 496 5.61 -16.40 -19.53
C THR A 496 4.87 -16.89 -18.29
N ARG A 497 5.38 -16.59 -17.10
CA ARG A 497 4.62 -16.92 -15.91
C ARG A 497 3.37 -16.02 -15.75
N LEU A 498 3.54 -14.73 -16.09
CA LEU A 498 2.46 -13.76 -15.95
C LEU A 498 1.29 -14.14 -16.83
N THR A 499 1.57 -14.25 -18.13
CA THR A 499 0.55 -14.60 -19.11
C THR A 499 0.10 -16.05 -18.97
N GLY A 500 1.05 -16.94 -18.70
CA GLY A 500 0.75 -18.36 -18.55
C GLY A 500 -0.20 -18.71 -17.42
N ALA A 501 -0.02 -18.12 -16.24
CA ALA A 501 -0.82 -18.45 -15.06
C ALA A 501 -1.45 -17.24 -14.34
N HIS A 502 -0.60 -16.31 -13.89
CA HIS A 502 -1.00 -15.22 -13.00
C HIS A 502 -2.15 -14.31 -13.44
N LEU A 503 -2.19 -13.96 -14.73
CA LEU A 503 -3.32 -13.16 -15.20
C LEU A 503 -4.64 -13.88 -14.89
N ALA A 504 -4.64 -15.21 -14.97
CA ALA A 504 -5.84 -15.99 -14.67
C ALA A 504 -6.20 -15.90 -13.19
N ARG A 505 -5.17 -15.78 -12.34
CA ARG A 505 -5.37 -15.60 -10.90
C ARG A 505 -5.97 -14.23 -10.58
N LEU A 506 -5.46 -13.19 -11.25
CA LEU A 506 -6.03 -11.85 -11.11
C LEU A 506 -7.50 -11.82 -11.57
N GLU A 507 -7.79 -12.51 -12.66
CA GLU A 507 -9.17 -12.59 -13.14
C GLU A 507 -10.03 -13.24 -12.09
N ALA A 508 -9.52 -14.30 -11.47
CA ALA A 508 -10.29 -15.04 -10.49
C ALA A 508 -10.59 -14.20 -9.24
N GLY A 510 -11.19 -10.99 -9.26
CA GLY A 510 -12.00 -9.85 -9.64
C GLY A 510 -11.21 -8.60 -10.01
N VAL A 511 -9.96 -8.78 -10.41
CA VAL A 511 -9.13 -7.62 -10.68
C VAL A 511 -9.10 -7.32 -12.16
N GLU A 512 -9.61 -6.15 -12.58
CA GLU A 512 -9.53 -5.80 -13.98
C GLU A 512 -8.26 -5.00 -14.20
N TYR A 513 -7.28 -5.63 -14.84
CA TYR A 513 -5.96 -5.03 -15.01
C TYR A 513 -5.82 -4.42 -16.40
N ARG A 514 -4.68 -3.79 -16.68
CA ARG A 514 -4.40 -3.35 -18.05
C ARG A 514 -3.92 -4.56 -18.82
N PRO A 515 -4.65 -4.92 -19.89
CA PRO A 515 -4.16 -6.03 -20.71
C PRO A 515 -2.82 -5.66 -21.31
N LEU A 516 -1.97 -6.66 -21.52
CA LEU A 516 -0.62 -6.42 -22.00
C LEU A 516 -0.56 -5.66 -23.33
N SER A 517 -1.56 -5.89 -24.17
CA SER A 517 -1.62 -5.26 -25.50
C SER A 517 -2.24 -3.88 -25.43
N GLY A 518 -2.54 -3.40 -24.24
CA GLY A 518 -3.16 -2.10 -24.09
C GLY A 518 -4.58 -2.10 -23.58
N PRO A 519 -5.07 -0.91 -23.22
CA PRO A 519 -6.39 -0.75 -22.59
C PRO A 519 -7.54 -1.30 -23.41
N ALA A 520 -8.47 -1.98 -22.73
CA ALA A 520 -9.73 -2.37 -23.34
C ALA A 520 -10.51 -1.10 -23.65
N PRO A 521 -11.31 -1.13 -24.71
CA PRO A 521 -12.05 0.07 -25.12
C PRO A 521 -12.84 0.72 -23.99
N TRP A 522 -13.39 -0.04 -23.05
CA TRP A 522 -14.16 0.54 -21.94
C TRP A 522 -13.26 1.11 -20.85
N GLN A 523 -11.97 0.81 -20.93
CA GLN A 523 -10.97 1.36 -20.02
C GLN A 523 -10.41 2.70 -20.49
N GLN A 524 -10.66 3.06 -21.74
CA GLN A 524 -10.17 4.31 -22.26
C GLN A 524 -11.00 5.53 -21.79
N ARG A 525 -10.40 6.70 -21.80
CA ARG A 525 -11.11 7.92 -21.42
C ARG A 525 -10.66 9.06 -22.33
N PRO A 526 -11.13 9.07 -23.58
CA PRO A 526 -10.76 10.11 -24.54
C PRO A 526 -11.33 11.48 -24.19
N GLY A 527 -10.63 12.55 -24.60
CA GLY A 527 -11.05 13.91 -24.34
C GLY A 527 -10.65 14.42 -22.96
N VAL A 528 -9.99 13.57 -22.18
CA VAL A 528 -9.63 13.93 -20.81
C VAL A 528 -8.15 14.17 -20.78
N GLU A 529 -7.77 15.42 -20.58
CA GLU A 529 -6.39 15.88 -20.68
C GLU A 529 -5.54 15.43 -19.52
N GLY A 530 -4.38 14.84 -19.83
CA GLY A 530 -3.41 14.51 -18.80
C GLY A 530 -2.27 15.50 -18.82
N TRP A 531 -1.19 15.16 -18.14
CA TRP A 531 0.06 15.93 -18.23
C TRP A 531 1.25 14.98 -18.40
N LYS A 532 1.89 15.02 -19.56
CA LYS A 532 2.91 14.02 -19.88
C LYS A 532 4.31 14.47 -19.50
N ARG A 533 4.96 13.69 -18.65
CA ARG A 533 6.31 14.03 -18.21
C ARG A 533 7.37 13.10 -18.81
N ASP A 534 8.57 13.66 -18.99
CA ASP A 534 9.74 12.93 -19.49
C ASP A 534 10.92 13.10 -18.55
N TYR A 535 11.37 12.01 -17.96
CA TYR A 535 12.37 12.07 -16.90
C TYR A 535 13.68 12.69 -17.33
N ASP A 536 14.10 12.41 -18.55
CA ASP A 536 15.40 12.90 -19.02
C ASP A 536 15.35 14.40 -19.26
N ALA A 537 14.28 14.85 -19.89
CA ALA A 537 14.08 16.26 -20.16
C ALA A 537 14.15 17.13 -18.89
N GLU A 538 13.72 16.58 -17.77
CA GLU A 538 13.64 17.33 -16.52
C GLU A 538 14.97 17.44 -15.78
N GLN A 539 15.92 16.59 -16.17
CA GLN A 539 17.26 16.60 -15.59
C GLN A 539 18.13 17.75 -16.13
N LEU A 540 18.12 17.89 -17.46
CA LEU A 540 18.85 18.93 -18.14
C LEU A 540 17.97 20.16 -18.38
#